data_7R79
#
_entry.id   7R79
#
_cell.length_a   88.550
_cell.length_b   46.697
_cell.length_c   71.255
_cell.angle_alpha   90.000
_cell.angle_beta   109.097
_cell.angle_gamma   90.000
#
_symmetry.space_group_name_H-M   'C 1 2 1'
#
loop_
_entity.id
_entity.type
_entity.pdbx_description
1 polymer 'Calcium-binding protein'
2 water water
#
_entity_poly.entity_id   1
_entity_poly.type   'polypeptide(L)'
_entity_poly.pdbx_seq_one_letter_code
;DQPSVGDAFDKYNEAVKVFTQLSSAANCDWPACLSSLSASSAACIAAIGELGLDIPLDLACAATATTSATQACKGCLW
;
_entity_poly.pdbx_strand_id   A,B,C,D
#
# COMPACT_ATOMS: atom_id res chain seq x y z
N PRO A 3 10.10 -5.12 25.10
CA PRO A 3 9.81 -5.04 23.67
C PRO A 3 9.24 -3.68 23.32
N SER A 4 10.08 -2.77 22.79
CA SER A 4 9.64 -1.40 22.56
C SER A 4 8.51 -1.36 21.54
N VAL A 5 8.81 -1.75 20.30
CA VAL A 5 7.77 -1.75 19.27
C VAL A 5 6.72 -2.82 19.54
N GLY A 6 7.12 -3.94 20.15
CA GLY A 6 6.14 -4.97 20.47
C GLY A 6 5.08 -4.49 21.44
N ASP A 7 5.51 -3.81 22.51
CA ASP A 7 4.55 -3.20 23.43
C ASP A 7 3.70 -2.15 22.74
N ALA A 8 4.32 -1.32 21.89
CA ALA A 8 3.57 -0.28 21.19
C ALA A 8 2.52 -0.88 20.26
N PHE A 9 2.86 -2.00 19.62
CA PHE A 9 1.89 -2.69 18.79
C PHE A 9 0.75 -3.25 19.64
N ASP A 10 1.06 -3.78 20.84
CA ASP A 10 0.01 -4.26 21.73
C ASP A 10 -0.97 -3.14 22.11
N LYS A 11 -0.45 -1.95 22.41
CA LYS A 11 -1.33 -0.84 22.75
C LYS A 11 -2.14 -0.38 21.55
N TYR A 12 -1.57 -0.44 20.35
CA TYR A 12 -2.34 -0.19 19.14
C TYR A 12 -3.50 -1.17 19.05
N ASN A 13 -3.22 -2.46 19.21
CA ASN A 13 -4.28 -3.47 19.12
C ASN A 13 -5.33 -3.24 20.19
N GLU A 14 -4.93 -2.84 21.40
CA GLU A 14 -5.90 -2.56 22.47
C GLU A 14 -6.78 -1.38 22.10
N ALA A 15 -6.19 -0.33 21.51
CA ALA A 15 -6.99 0.82 21.11
C ALA A 15 -8.00 0.43 20.04
N VAL A 16 -7.61 -0.43 19.10
CA VAL A 16 -8.55 -0.87 18.06
C VAL A 16 -9.64 -1.75 18.65
N LYS A 17 -9.27 -2.69 19.53
CA LYS A 17 -10.24 -3.59 20.15
C LYS A 17 -11.24 -2.81 21.00
N VAL A 18 -10.74 -1.89 21.82
CA VAL A 18 -11.64 -1.08 22.63
C VAL A 18 -12.58 -0.29 21.73
N PHE A 19 -12.02 0.34 20.69
CA PHE A 19 -12.85 1.14 19.81
C PHE A 19 -13.91 0.29 19.13
N THR A 20 -13.55 -0.94 18.74
CA THR A 20 -14.47 -1.85 18.06
C THR A 20 -15.70 -2.14 18.93
N GLN A 21 -15.49 -2.46 20.21
CA GLN A 21 -16.61 -2.72 21.11
C GLN A 21 -17.40 -1.45 21.37
N LEU A 22 -16.70 -0.32 21.51
CA LEU A 22 -17.39 0.94 21.79
C LEU A 22 -18.22 1.39 20.60
N SER A 23 -17.77 1.10 19.38
CA SER A 23 -18.53 1.51 18.20
C SER A 23 -19.87 0.81 18.11
N SER A 24 -19.92 -0.47 18.50
CA SER A 24 -21.19 -1.20 18.41
C SER A 24 -22.23 -0.58 19.33
N ALA A 25 -21.81 -0.10 20.50
CA ALA A 25 -22.72 0.49 21.47
C ALA A 25 -23.10 1.95 21.18
N ALA A 26 -22.44 2.62 20.24
CA ALA A 26 -22.61 4.06 20.05
C ALA A 26 -23.48 4.47 18.87
N ASN A 27 -24.23 3.55 18.26
CA ASN A 27 -25.05 3.84 17.09
C ASN A 27 -24.22 4.56 16.02
N CYS A 28 -23.19 3.86 15.55
CA CYS A 28 -22.29 4.34 14.53
C CYS A 28 -22.64 3.68 13.19
N ASP A 29 -22.80 4.48 12.16
CA ASP A 29 -23.07 3.99 10.81
C ASP A 29 -21.77 4.18 10.03
N TRP A 30 -20.86 3.21 10.13
CA TRP A 30 -19.54 3.39 9.52
C TRP A 30 -19.58 3.65 8.03
N PRO A 31 -20.34 2.89 7.23
CA PRO A 31 -20.35 3.19 5.78
C PRO A 31 -20.81 4.60 5.46
N ALA A 32 -21.84 5.09 6.16
CA ALA A 32 -22.28 6.46 5.94
C ALA A 32 -21.20 7.45 6.37
N CYS A 33 -20.60 7.20 7.53
CA CYS A 33 -19.54 8.08 8.02
C CYS A 33 -18.39 8.15 7.02
N LEU A 34 -17.93 6.99 6.55
CA LEU A 34 -16.81 6.98 5.60
C LEU A 34 -17.13 7.76 4.34
N SER A 35 -18.34 7.59 3.81
CA SER A 35 -18.67 8.28 2.57
C SER A 35 -18.77 9.78 2.78
N SER A 36 -19.24 10.19 3.96
CA SER A 36 -19.41 11.61 4.28
C SER A 36 -18.09 12.33 4.44
N LEU A 37 -16.99 11.61 4.70
CA LEU A 37 -15.70 12.26 4.92
C LEU A 37 -15.10 12.80 3.62
N SER A 38 -15.51 12.27 2.46
CA SER A 38 -15.06 12.76 1.17
C SER A 38 -13.54 12.73 1.09
N ALA A 39 -12.97 11.59 1.44
CA ALA A 39 -11.54 11.38 1.59
C ALA A 39 -11.21 10.16 0.74
N SER A 40 -10.33 10.32 -0.24
CA SER A 40 -9.96 9.21 -1.11
C SER A 40 -8.57 8.67 -0.85
N SER A 41 -8.14 8.65 0.41
CA SER A 41 -6.87 8.04 0.76
C SER A 41 -6.97 6.52 0.60
N ALA A 42 -5.81 5.85 0.51
CA ALA A 42 -5.83 4.40 0.38
C ALA A 42 -6.62 3.75 1.53
N ALA A 43 -6.40 4.20 2.76
CA ALA A 43 -7.15 3.62 3.87
C ALA A 43 -8.66 3.78 3.68
N CYS A 44 -9.10 4.93 3.15
CA CYS A 44 -10.53 5.16 2.97
C CYS A 44 -11.09 4.32 1.83
N ILE A 45 -10.36 4.20 0.72
CA ILE A 45 -10.84 3.36 -0.38
C ILE A 45 -11.03 1.93 0.10
N ALA A 46 -10.03 1.40 0.83
CA ALA A 46 -10.11 0.05 1.34
C ALA A 46 -11.23 -0.09 2.38
N ALA A 47 -11.37 0.87 3.29
CA ALA A 47 -12.41 0.80 4.30
C ALA A 47 -13.81 0.85 3.68
N ILE A 48 -13.99 1.70 2.66
CA ILE A 48 -15.28 1.80 1.99
C ILE A 48 -15.61 0.52 1.23
N GLY A 49 -14.60 -0.08 0.59
CA GLY A 49 -14.86 -1.34 -0.11
C GLY A 49 -15.29 -2.44 0.83
N GLU A 50 -14.81 -2.40 2.07
CA GLU A 50 -15.16 -3.37 3.10
C GLU A 50 -16.45 -2.99 3.85
N LEU A 51 -17.23 -2.04 3.34
CA LEU A 51 -18.52 -1.67 3.92
C LEU A 51 -18.39 -1.25 5.38
N GLY A 52 -17.24 -0.67 5.72
CA GLY A 52 -17.01 -0.22 7.08
C GLY A 52 -16.86 -1.31 8.10
N LEU A 53 -16.85 -2.57 7.67
CA LEU A 53 -16.77 -3.68 8.63
C LEU A 53 -15.37 -3.85 9.21
N ASP A 54 -14.36 -3.25 8.58
CA ASP A 54 -12.98 -3.36 9.02
C ASP A 54 -12.70 -2.14 9.90
N ILE A 55 -12.79 -2.32 11.23
CA ILE A 55 -12.61 -1.18 12.14
C ILE A 55 -11.22 -0.58 12.04
N PRO A 56 -10.12 -1.34 11.99
CA PRO A 56 -8.81 -0.69 11.84
C PRO A 56 -8.72 0.19 10.61
N LEU A 57 -9.27 -0.25 9.48
CA LEU A 57 -9.24 0.62 8.30
C LEU A 57 -10.19 1.81 8.44
N ASP A 58 -11.33 1.64 9.12
CA ASP A 58 -12.19 2.79 9.38
C ASP A 58 -11.42 3.88 10.13
N LEU A 59 -10.70 3.48 11.17
CA LEU A 59 -9.94 4.41 11.98
C LEU A 59 -8.81 5.06 11.18
N ALA A 60 -8.06 4.25 10.41
CA ALA A 60 -7.01 4.80 9.56
C ALA A 60 -7.59 5.79 8.56
N CYS A 61 -8.75 5.47 7.98
CA CYS A 61 -9.40 6.38 7.04
C CYS A 61 -9.75 7.69 7.72
N ALA A 62 -10.37 7.60 8.89
CA ALA A 62 -10.79 8.79 9.60
C ALA A 62 -9.60 9.69 9.91
N ALA A 63 -8.45 9.09 10.23
CA ALA A 63 -7.25 9.84 10.55
C ALA A 63 -6.70 10.59 9.34
N THR A 64 -7.07 10.21 8.11
CA THR A 64 -6.62 10.92 6.93
C THR A 64 -7.58 12.02 6.49
N ALA A 65 -8.71 12.16 7.18
CA ALA A 65 -9.71 13.12 6.73
C ALA A 65 -9.36 14.49 7.27
N THR A 66 -9.88 15.52 6.60
CA THR A 66 -9.63 16.87 7.07
C THR A 66 -10.45 17.19 8.31
N THR A 67 -11.65 16.61 8.42
CA THR A 67 -12.48 16.81 9.61
C THR A 67 -13.41 15.62 9.80
N SER A 68 -13.81 15.36 11.04
CA SER A 68 -14.78 14.32 11.36
C SER A 68 -16.16 14.89 11.61
N ALA A 69 -16.34 16.19 11.40
CA ALA A 69 -17.59 16.94 11.63
C ALA A 69 -18.64 16.68 10.56
N THR A 70 -19.20 15.47 10.58
CA THR A 70 -20.35 15.17 9.74
C THR A 70 -21.41 14.52 10.60
N GLN A 71 -22.67 14.67 10.20
CA GLN A 71 -23.72 14.00 10.95
C GLN A 71 -23.57 12.49 10.88
N ALA A 72 -23.17 11.98 9.72
CA ALA A 72 -23.04 10.54 9.57
C ALA A 72 -21.95 9.98 10.45
N CYS A 73 -20.99 10.81 10.89
CA CYS A 73 -19.95 10.33 11.77
C CYS A 73 -20.27 10.52 13.26
N LYS A 74 -21.46 11.00 13.60
CA LYS A 74 -21.85 11.04 15.00
C LYS A 74 -22.00 9.62 15.52
N GLY A 75 -21.42 9.34 16.68
CA GLY A 75 -21.37 8.00 17.20
C GLY A 75 -20.18 7.19 16.73
N CYS A 76 -19.56 7.60 15.61
CA CYS A 76 -18.36 6.96 15.09
C CYS A 76 -17.09 7.68 15.56
N LEU A 77 -17.03 8.98 15.34
CA LEU A 77 -15.84 9.76 15.63
C LEU A 77 -16.06 10.88 16.62
N TRP A 78 -17.31 11.21 16.94
CA TRP A 78 -17.59 12.23 17.92
C TRP A 78 -18.93 11.97 18.62
N GLN B 2 -22.62 7.66 27.47
CA GLN B 2 -21.66 6.72 26.90
C GLN B 2 -20.22 7.23 26.97
N PRO B 3 -19.26 6.30 27.06
CA PRO B 3 -17.86 6.68 26.91
C PRO B 3 -17.63 7.42 25.60
N SER B 4 -16.81 8.46 25.66
CA SER B 4 -16.58 9.32 24.52
C SER B 4 -15.91 8.55 23.37
N VAL B 5 -16.59 8.48 22.24
CA VAL B 5 -15.96 7.89 21.05
C VAL B 5 -14.89 8.82 20.52
N GLY B 6 -15.06 10.13 20.70
CA GLY B 6 -14.02 11.07 20.32
C GLY B 6 -12.73 10.84 21.09
N ASP B 7 -12.83 10.66 22.41
CA ASP B 7 -11.65 10.33 23.19
C ASP B 7 -11.01 9.03 22.70
N ALA B 8 -11.82 8.00 22.42
CA ALA B 8 -11.28 6.72 21.97
C ALA B 8 -10.58 6.87 20.62
N PHE B 9 -11.11 7.73 19.75
CA PHE B 9 -10.44 8.02 18.48
C PHE B 9 -9.12 8.75 18.72
N ASP B 10 -9.10 9.69 19.67
CA ASP B 10 -7.85 10.36 20.04
C ASP B 10 -6.83 9.36 20.53
N LYS B 11 -7.26 8.38 21.35
CA LYS B 11 -6.35 7.37 21.89
C LYS B 11 -5.83 6.44 20.80
N TYR B 12 -6.66 6.12 19.81
CA TYR B 12 -6.19 5.40 18.63
C TYR B 12 -5.07 6.19 17.94
N ASN B 13 -5.31 7.47 17.68
CA ASN B 13 -4.29 8.29 17.00
C ASN B 13 -3.02 8.37 17.83
N GLU B 14 -3.14 8.46 19.16
CA GLU B 14 -1.93 8.49 19.99
C GLU B 14 -1.18 7.16 19.94
N ALA B 15 -1.89 6.03 19.91
CA ALA B 15 -1.21 4.74 19.84
C ALA B 15 -0.44 4.62 18.52
N VAL B 16 -1.00 5.13 17.43
CA VAL B 16 -0.32 5.12 16.14
C VAL B 16 0.92 5.99 16.19
N LYS B 17 0.79 7.17 16.80
CA LYS B 17 1.93 8.08 16.91
C LYS B 17 3.06 7.46 17.73
N VAL B 18 2.73 6.87 18.89
CA VAL B 18 3.76 6.26 19.72
C VAL B 18 4.47 5.15 18.96
N PHE B 19 3.69 4.30 18.27
CA PHE B 19 4.31 3.23 17.49
C PHE B 19 5.19 3.81 16.39
N THR B 20 4.72 4.85 15.70
CA THR B 20 5.48 5.47 14.61
C THR B 20 6.81 6.00 15.11
N GLN B 21 6.82 6.65 16.27
CA GLN B 21 8.06 7.20 16.82
C GLN B 21 9.03 6.09 17.19
N LEU B 22 8.53 5.02 17.81
CA LEU B 22 9.42 3.93 18.23
C LEU B 22 9.87 3.11 17.03
N SER B 23 8.98 2.89 16.07
CA SER B 23 9.33 2.06 14.91
C SER B 23 10.36 2.74 14.02
N SER B 24 10.27 4.07 13.89
CA SER B 24 11.23 4.78 13.07
C SER B 24 12.65 4.64 13.62
N ALA B 25 12.78 4.57 14.94
CA ALA B 25 14.08 4.40 15.59
C ALA B 25 14.61 2.96 15.53
N ALA B 26 13.82 1.99 15.07
CA ALA B 26 14.21 0.59 15.09
C ALA B 26 14.66 0.12 13.69
N ASN B 27 15.11 -1.14 13.64
CA ASN B 27 15.62 -1.75 12.40
C ASN B 27 14.49 -2.51 11.70
N CYS B 28 13.53 -1.75 11.19
CA CYS B 28 12.35 -2.34 10.54
C CYS B 28 12.47 -2.26 9.02
N ASP B 29 12.27 -3.39 8.35
CA ASP B 29 12.19 -3.50 6.89
C ASP B 29 10.73 -3.83 6.57
N TRP B 30 9.92 -2.80 6.40
CA TRP B 30 8.47 -3.02 6.25
C TRP B 30 8.11 -3.87 5.04
N PRO B 31 8.61 -3.63 3.82
CA PRO B 31 8.22 -4.51 2.71
C PRO B 31 8.55 -5.97 2.95
N ALA B 32 9.71 -6.25 3.55
CA ALA B 32 10.04 -7.63 3.87
C ALA B 32 9.12 -8.20 4.95
N CYS B 33 8.84 -7.40 5.99
CA CYS B 33 7.93 -7.85 7.05
C CYS B 33 6.55 -8.14 6.50
N LEU B 34 5.98 -7.22 5.72
CA LEU B 34 4.63 -7.43 5.21
C LEU B 34 4.55 -8.67 4.34
N SER B 35 5.57 -8.88 3.51
CA SER B 35 5.57 -10.04 2.62
C SER B 35 5.71 -11.34 3.39
N SER B 36 6.37 -11.31 4.55
CA SER B 36 6.52 -12.51 5.37
C SER B 36 5.24 -12.90 6.09
N LEU B 37 4.29 -11.97 6.24
CA LEU B 37 3.09 -12.28 7.01
C LEU B 37 2.19 -13.24 6.25
N SER B 38 1.53 -14.13 6.98
CA SER B 38 0.50 -15.01 6.44
C SER B 38 -0.84 -14.32 6.65
N ALA B 39 -1.09 -13.32 5.82
CA ALA B 39 -2.24 -12.43 5.97
C ALA B 39 -2.93 -12.24 4.62
N SER B 40 -4.20 -12.64 4.53
CA SER B 40 -5.02 -12.38 3.35
C SER B 40 -6.09 -11.35 3.73
N SER B 41 -5.76 -10.06 3.57
CA SER B 41 -6.71 -9.04 3.98
C SER B 41 -6.60 -7.76 3.16
N ALA B 42 -7.70 -6.99 3.17
CA ALA B 42 -7.69 -5.68 2.52
C ALA B 42 -6.59 -4.79 3.09
N ALA B 43 -6.42 -4.80 4.43
CA ALA B 43 -5.39 -3.98 5.04
C ALA B 43 -4.00 -4.34 4.52
N CYS B 44 -3.74 -5.62 4.30
CA CYS B 44 -2.42 -6.00 3.81
C CYS B 44 -2.26 -5.64 2.34
N ILE B 45 -3.31 -5.77 1.53
CA ILE B 45 -3.22 -5.33 0.14
C ILE B 45 -2.87 -3.85 0.10
N ALA B 46 -3.53 -3.04 0.93
CA ALA B 46 -3.25 -1.62 0.96
C ALA B 46 -1.85 -1.33 1.48
N ALA B 47 -1.41 -2.03 2.55
CA ALA B 47 -0.10 -1.75 3.12
C ALA B 47 1.04 -2.11 2.18
N ILE B 48 0.94 -3.28 1.56
CA ILE B 48 1.94 -3.72 0.58
C ILE B 48 1.90 -2.80 -0.63
N GLY B 49 0.70 -2.33 -0.98
CA GLY B 49 0.55 -1.43 -2.11
C GLY B 49 1.27 -0.10 -1.95
N GLU B 50 1.46 0.34 -0.71
CA GLU B 50 2.23 1.56 -0.43
C GLU B 50 3.69 1.25 -0.12
N LEU B 51 4.15 0.02 -0.37
CA LEU B 51 5.52 -0.41 -0.11
C LEU B 51 5.91 -0.22 1.34
N GLY B 52 4.93 -0.42 2.22
CA GLY B 52 5.15 -0.29 3.65
C GLY B 52 5.36 1.12 4.14
N LEU B 53 5.22 2.13 3.28
CA LEU B 53 5.48 3.50 3.69
C LEU B 53 4.39 4.08 4.59
N ASP B 54 3.20 3.47 4.59
CA ASP B 54 2.04 3.95 5.35
C ASP B 54 1.98 3.18 6.66
N ILE B 55 2.47 3.80 7.74
CA ILE B 55 2.53 3.11 9.03
C ILE B 55 1.14 2.70 9.53
N PRO B 56 0.10 3.53 9.45
CA PRO B 56 -1.22 3.06 9.86
C PRO B 56 -1.69 1.83 9.10
N LEU B 57 -1.42 1.74 7.80
CA LEU B 57 -1.81 0.55 7.06
C LEU B 57 -0.95 -0.65 7.43
N ASP B 58 0.33 -0.43 7.70
CA ASP B 58 1.19 -1.51 8.19
C ASP B 58 0.62 -2.11 9.46
N LEU B 59 0.19 -1.26 10.39
CA LEU B 59 -0.35 -1.75 11.65
C LEU B 59 -1.63 -2.52 11.43
N ALA B 60 -2.55 -1.98 10.62
CA ALA B 60 -3.81 -2.68 10.35
C ALA B 60 -3.56 -4.02 9.67
N CYS B 61 -2.62 -4.07 8.73
CA CYS B 61 -2.25 -5.34 8.11
C CYS B 61 -1.73 -6.34 9.13
N ALA B 62 -0.79 -5.90 9.97
CA ALA B 62 -0.17 -6.80 10.94
C ALA B 62 -1.20 -7.40 11.87
N ALA B 63 -2.23 -6.62 12.21
CA ALA B 63 -3.28 -7.11 13.08
C ALA B 63 -4.15 -8.18 12.42
N THR B 64 -4.14 -8.29 11.09
CA THR B 64 -4.91 -9.33 10.42
C THR B 64 -4.13 -10.60 10.21
N ALA B 65 -2.86 -10.65 10.58
CA ALA B 65 -2.10 -11.85 10.32
C ALA B 65 -2.21 -12.78 11.52
N THR B 66 -2.17 -14.08 11.22
CA THR B 66 -2.13 -15.07 12.29
C THR B 66 -0.73 -15.19 12.84
N THR B 67 0.27 -14.84 12.04
CA THR B 67 1.66 -14.88 12.43
C THR B 67 2.20 -13.46 12.42
N SER B 68 2.65 -12.98 13.58
CA SER B 68 3.29 -11.69 13.68
C SER B 68 4.77 -11.76 14.01
N ALA B 69 5.26 -12.91 14.48
CA ALA B 69 6.64 -13.02 14.96
C ALA B 69 7.51 -13.71 13.91
N THR B 70 7.60 -13.05 12.77
CA THR B 70 8.47 -13.53 11.72
C THR B 70 9.81 -12.85 11.84
N GLN B 71 10.82 -13.52 11.28
CA GLN B 71 12.16 -12.96 11.33
C GLN B 71 12.20 -11.61 10.63
N ALA B 72 11.51 -11.50 9.50
CA ALA B 72 11.48 -10.25 8.76
C ALA B 72 10.75 -9.14 9.50
N CYS B 73 9.87 -9.48 10.43
CA CYS B 73 9.16 -8.47 11.17
C CYS B 73 9.84 -8.11 12.50
N LYS B 74 11.02 -8.66 12.76
CA LYS B 74 11.81 -8.20 13.90
C LYS B 74 12.24 -6.76 13.66
N GLY B 75 12.06 -5.90 14.67
CA GLY B 75 12.26 -4.49 14.51
C GLY B 75 11.02 -3.74 14.05
N CYS B 76 10.07 -4.43 13.44
CA CYS B 76 8.80 -3.82 13.03
C CYS B 76 7.70 -4.05 14.05
N LEU B 77 7.45 -5.31 14.42
CA LEU B 77 6.30 -5.66 15.25
C LEU B 77 6.64 -6.37 16.55
N TRP B 78 7.85 -6.90 16.70
CA TRP B 78 8.21 -7.56 17.95
C TRP B 78 9.72 -7.45 18.14
N GLN C 2 10.37 17.16 -2.62
CA GLN C 2 10.34 18.51 -3.20
C GLN C 2 9.91 18.52 -4.69
N PRO C 3 10.43 17.62 -5.53
CA PRO C 3 9.91 17.52 -6.89
C PRO C 3 8.43 17.16 -6.88
N SER C 4 7.74 17.58 -7.93
CA SER C 4 6.31 17.36 -8.07
C SER C 4 6.03 15.87 -8.28
N VAL C 5 4.75 15.51 -8.23
CA VAL C 5 4.40 14.12 -8.51
C VAL C 5 4.65 13.82 -9.99
N GLY C 6 4.52 14.83 -10.85
CA GLY C 6 4.83 14.65 -12.25
C GLY C 6 6.29 14.29 -12.48
N ASP C 7 7.21 14.97 -11.78
CA ASP C 7 8.61 14.58 -11.86
C ASP C 7 8.83 13.16 -11.38
N ALA C 8 8.17 12.77 -10.28
CA ALA C 8 8.32 11.43 -9.75
C ALA C 8 7.81 10.38 -10.73
N PHE C 9 6.71 10.67 -11.43
CA PHE C 9 6.23 9.74 -12.44
C PHE C 9 7.21 9.64 -13.60
N ASP C 10 7.81 10.76 -14.02
CA ASP C 10 8.84 10.73 -15.04
C ASP C 10 10.01 9.86 -14.60
N LYS C 11 10.40 9.98 -13.33
CA LYS C 11 11.51 9.20 -12.80
C LYS C 11 11.16 7.72 -12.77
N TYR C 12 9.90 7.40 -12.47
CA TYR C 12 9.44 6.01 -12.56
C TYR C 12 9.62 5.48 -13.98
N ASN C 13 9.13 6.22 -14.96
CA ASN C 13 9.20 5.74 -16.34
C ASN C 13 10.63 5.55 -16.80
N GLU C 14 11.52 6.46 -16.41
CA GLU C 14 12.92 6.32 -16.78
C GLU C 14 13.56 5.13 -16.11
N ALA C 15 13.24 4.87 -14.84
CA ALA C 15 13.78 3.72 -14.14
C ALA C 15 13.32 2.42 -14.79
N VAL C 16 12.07 2.39 -15.27
CA VAL C 16 11.58 1.20 -15.96
C VAL C 16 12.31 1.02 -17.27
N LYS C 17 12.54 2.14 -17.99
CA LYS C 17 13.23 2.08 -19.27
C LYS C 17 14.66 1.57 -19.10
N VAL C 18 15.39 2.11 -18.12
CA VAL C 18 16.76 1.67 -17.87
C VAL C 18 16.78 0.18 -17.52
N PHE C 19 15.88 -0.24 -16.63
CA PHE C 19 15.83 -1.65 -16.26
C PHE C 19 15.54 -2.53 -17.47
N THR C 20 14.58 -2.12 -18.30
CA THR C 20 14.20 -2.92 -19.45
C THR C 20 15.39 -3.15 -20.38
N GLN C 21 16.16 -2.09 -20.63
CA GLN C 21 17.31 -2.20 -21.52
C GLN C 21 18.40 -3.10 -20.93
N LEU C 22 18.69 -2.95 -19.63
CA LEU C 22 19.76 -3.70 -19.02
C LEU C 22 19.38 -5.17 -18.79
N SER C 23 18.15 -5.43 -18.37
CA SER C 23 17.73 -6.79 -18.08
C SER C 23 17.60 -7.63 -19.35
N SER C 24 17.17 -7.00 -20.46
CA SER C 24 17.05 -7.73 -21.71
C SER C 24 18.40 -8.25 -22.19
N ALA C 25 19.48 -7.54 -21.87
CA ALA C 25 20.82 -7.97 -22.26
C ALA C 25 21.32 -9.15 -21.44
N ALA C 26 20.61 -9.52 -20.37
CA ALA C 26 21.02 -10.61 -19.50
C ALA C 26 20.20 -11.86 -19.80
N ASN C 27 20.61 -12.97 -19.17
CA ASN C 27 19.98 -14.27 -19.38
C ASN C 27 18.89 -14.49 -18.34
N CYS C 28 17.80 -13.74 -18.49
CA CYS C 28 16.69 -13.77 -17.53
C CYS C 28 15.58 -14.70 -18.02
N ASP C 29 15.16 -15.60 -17.12
CA ASP C 29 14.04 -16.53 -17.31
C ASP C 29 12.91 -16.05 -16.39
N TRP C 30 12.08 -15.15 -16.91
CA TRP C 30 11.07 -14.51 -16.06
C TRP C 30 10.07 -15.49 -15.46
N PRO C 31 9.47 -16.43 -16.21
CA PRO C 31 8.52 -17.35 -15.56
C PRO C 31 9.14 -18.12 -14.40
N ALA C 32 10.38 -18.57 -14.55
CA ALA C 32 11.06 -19.25 -13.45
C ALA C 32 11.30 -18.29 -12.29
N CYS C 33 11.76 -17.08 -12.60
CA CYS C 33 11.99 -16.09 -11.54
C CYS C 33 10.70 -15.78 -10.78
N LEU C 34 9.60 -15.51 -11.50
CA LEU C 34 8.35 -15.15 -10.84
C LEU C 34 7.87 -16.28 -9.93
N SER C 35 8.02 -17.53 -10.36
CA SER C 35 7.57 -18.62 -9.51
C SER C 35 8.47 -18.77 -8.28
N SER C 36 9.75 -18.43 -8.41
CA SER C 36 10.67 -18.54 -7.30
C SER C 36 10.41 -17.49 -6.22
N LEU C 37 9.68 -16.42 -6.54
CA LEU C 37 9.44 -15.37 -5.57
C LEU C 37 8.48 -15.81 -4.47
N SER C 38 7.68 -16.83 -4.75
CA SER C 38 6.79 -17.41 -3.73
C SER C 38 5.89 -16.32 -3.16
N ALA C 39 5.21 -15.61 -4.05
CA ALA C 39 4.48 -14.41 -3.71
C ALA C 39 3.07 -14.50 -4.27
N SER C 40 2.08 -14.23 -3.43
CA SER C 40 0.69 -14.23 -3.82
C SER C 40 0.12 -12.82 -3.91
N SER C 41 0.91 -11.88 -4.42
CA SER C 41 0.41 -10.52 -4.50
C SER C 41 -0.26 -10.34 -5.85
N ALA C 42 -1.15 -9.36 -5.93
CA ALA C 42 -1.86 -9.10 -7.19
C ALA C 42 -0.88 -8.86 -8.33
N ALA C 43 0.16 -8.06 -8.08
CA ALA C 43 1.15 -7.78 -9.11
C ALA C 43 1.83 -9.06 -9.58
N CYS C 44 2.12 -9.97 -8.65
CA CYS C 44 2.79 -11.20 -9.05
C CYS C 44 1.86 -12.12 -9.82
N ILE C 45 0.61 -12.24 -9.38
CA ILE C 45 -0.33 -13.09 -10.10
C ILE C 45 -0.52 -12.55 -11.52
N ALA C 46 -0.66 -11.23 -11.65
CA ALA C 46 -0.80 -10.63 -12.98
C ALA C 46 0.45 -10.85 -13.83
N ALA C 47 1.65 -10.69 -13.24
CA ALA C 47 2.88 -10.90 -14.00
C ALA C 47 3.01 -12.34 -14.49
N ILE C 48 2.66 -13.30 -13.63
CA ILE C 48 2.72 -14.71 -14.02
C ILE C 48 1.70 -14.99 -15.12
N GLY C 49 0.54 -14.35 -15.03
CA GLY C 49 -0.47 -14.50 -16.06
C GLY C 49 -0.01 -14.03 -17.43
N GLU C 50 0.90 -13.05 -17.47
CA GLU C 50 1.47 -12.58 -18.73
C GLU C 50 2.74 -13.35 -19.11
N LEU C 51 3.00 -14.48 -18.44
CA LEU C 51 4.14 -15.33 -18.76
C LEU C 51 5.46 -14.55 -18.66
N GLY C 52 5.51 -13.57 -17.75
CA GLY C 52 6.70 -12.76 -17.57
C GLY C 52 6.99 -11.79 -18.69
N LEU C 53 6.13 -11.68 -19.70
CA LEU C 53 6.43 -10.83 -20.85
C LEU C 53 6.26 -9.35 -20.55
N ASP C 54 5.55 -9.00 -19.49
CA ASP C 54 5.24 -7.63 -19.14
C ASP C 54 6.27 -7.18 -18.11
N ILE C 55 7.31 -6.47 -18.57
CA ILE C 55 8.40 -6.10 -17.66
C ILE C 55 7.91 -5.19 -16.54
N PRO C 56 7.08 -4.16 -16.76
CA PRO C 56 6.56 -3.38 -15.63
C PRO C 56 5.84 -4.23 -14.60
N LEU C 57 5.06 -5.23 -15.03
CA LEU C 57 4.41 -6.10 -14.06
C LEU C 57 5.43 -6.98 -13.33
N ASP C 58 6.45 -7.45 -14.06
CA ASP C 58 7.54 -8.20 -13.42
C ASP C 58 8.15 -7.39 -12.30
N LEU C 59 8.43 -6.11 -12.57
CA LEU C 59 9.02 -5.24 -11.57
C LEU C 59 8.07 -5.01 -10.42
N ALA C 60 6.79 -4.74 -10.72
CA ALA C 60 5.81 -4.53 -9.65
C ALA C 60 5.72 -5.75 -8.75
N CYS C 61 5.76 -6.94 -9.35
CA CYS C 61 5.76 -8.16 -8.57
C CYS C 61 6.97 -8.21 -7.64
N ALA C 62 8.16 -7.96 -8.21
CA ALA C 62 9.38 -8.02 -7.41
C ALA C 62 9.35 -7.03 -6.26
N ALA C 63 8.77 -5.85 -6.49
CA ALA C 63 8.70 -4.85 -5.42
C ALA C 63 7.77 -5.26 -4.28
N THR C 64 6.83 -6.18 -4.51
CA THR C 64 5.91 -6.62 -3.47
C THR C 64 6.30 -7.94 -2.78
N ALA C 65 7.35 -8.60 -3.21
CA ALA C 65 7.81 -9.88 -2.70
C ALA C 65 8.91 -9.71 -1.65
N THR C 66 9.13 -10.76 -0.87
CA THR C 66 10.41 -10.89 -0.21
C THR C 66 11.42 -11.29 -1.28
N THR C 67 12.70 -11.21 -0.97
CA THR C 67 13.63 -11.73 -1.96
C THR C 67 14.89 -12.29 -1.30
N SER C 68 15.21 -13.52 -1.66
CA SER C 68 16.42 -14.23 -1.27
C SER C 68 17.37 -14.33 -2.45
N ALA C 69 17.27 -13.35 -3.36
CA ALA C 69 18.02 -13.31 -4.61
C ALA C 69 18.06 -14.70 -5.23
N THR C 70 16.88 -15.20 -5.55
CA THR C 70 16.77 -16.55 -6.08
C THR C 70 17.67 -16.73 -7.30
N GLN C 71 18.18 -17.95 -7.45
CA GLN C 71 18.98 -18.26 -8.62
C GLN C 71 18.14 -18.12 -9.88
N ALA C 72 16.85 -18.44 -9.79
CA ALA C 72 15.98 -18.29 -10.94
C ALA C 72 15.81 -16.83 -11.34
N CYS C 73 16.07 -15.89 -10.44
CA CYS C 73 15.98 -14.47 -10.76
C CYS C 73 17.32 -13.86 -11.17
N LYS C 74 18.37 -14.67 -11.34
CA LYS C 74 19.60 -14.13 -11.88
C LYS C 74 19.40 -13.67 -13.32
N GLY C 75 19.87 -12.46 -13.61
CA GLY C 75 19.62 -11.85 -14.89
C GLY C 75 18.33 -11.07 -14.95
N CYS C 76 17.38 -11.38 -14.07
CA CYS C 76 16.10 -10.70 -14.00
C CYS C 76 16.14 -9.55 -12.98
N LEU C 77 16.55 -9.85 -11.75
CA LEU C 77 16.55 -8.87 -10.68
C LEU C 77 17.92 -8.60 -10.09
N TRP C 78 18.92 -9.42 -10.40
CA TRP C 78 20.27 -9.17 -9.95
C TRP C 78 21.29 -9.76 -10.91
N PRO D 3 25.58 0.13 -15.31
CA PRO D 3 24.86 -0.23 -14.09
C PRO D 3 24.34 -1.67 -14.13
N SER D 4 24.51 -2.41 -13.04
CA SER D 4 24.06 -3.79 -13.00
C SER D 4 22.53 -3.85 -13.03
N VAL D 5 22.00 -5.06 -13.18
CA VAL D 5 20.56 -5.23 -13.15
C VAL D 5 20.05 -5.01 -11.74
N GLY D 6 20.84 -5.40 -10.74
CA GLY D 6 20.49 -5.13 -9.36
C GLY D 6 20.41 -3.64 -9.06
N ASP D 7 21.36 -2.87 -9.57
CA ASP D 7 21.31 -1.42 -9.43
C ASP D 7 20.06 -0.86 -10.09
N ALA D 8 19.71 -1.37 -11.27
CA ALA D 8 18.54 -0.88 -11.99
C ALA D 8 17.27 -1.17 -11.21
N PHE D 9 17.19 -2.35 -10.60
CA PHE D 9 16.04 -2.69 -9.77
C PHE D 9 16.00 -1.81 -8.53
N ASP D 10 17.17 -1.54 -7.92
CA ASP D 10 17.21 -0.64 -6.77
C ASP D 10 16.70 0.75 -7.14
N LYS D 11 17.10 1.26 -8.32
CA LYS D 11 16.63 2.58 -8.74
C LYS D 11 15.14 2.58 -9.02
N TYR D 12 14.62 1.47 -9.56
CA TYR D 12 13.18 1.33 -9.73
C TYR D 12 12.46 1.43 -8.38
N ASN D 13 12.92 0.67 -7.39
CA ASN D 13 12.27 0.69 -6.08
C ASN D 13 12.33 2.07 -5.45
N GLU D 14 13.46 2.76 -5.61
CA GLU D 14 13.59 4.09 -5.06
C GLU D 14 12.62 5.05 -5.74
N ALA D 15 12.46 4.94 -7.07
CA ALA D 15 11.52 5.81 -7.78
C ALA D 15 10.09 5.56 -7.35
N VAL D 16 9.72 4.30 -7.13
CA VAL D 16 8.36 3.99 -6.69
C VAL D 16 8.13 4.54 -5.30
N LYS D 17 9.10 4.39 -4.40
CA LYS D 17 8.94 4.92 -3.05
C LYS D 17 8.80 6.44 -3.05
N VAL D 18 9.64 7.12 -3.82
CA VAL D 18 9.56 8.58 -3.91
C VAL D 18 8.19 8.98 -4.45
N PHE D 19 7.73 8.31 -5.50
CA PHE D 19 6.43 8.60 -6.07
C PHE D 19 5.32 8.39 -5.05
N THR D 20 5.39 7.29 -4.29
CA THR D 20 4.36 7.01 -3.30
C THR D 20 4.29 8.12 -2.26
N GLN D 21 5.45 8.60 -1.79
CA GLN D 21 5.48 9.66 -0.80
C GLN D 21 4.88 10.95 -1.33
N LEU D 22 5.21 11.31 -2.58
CA LEU D 22 4.72 12.58 -3.12
C LEU D 22 3.25 12.51 -3.50
N SER D 23 2.80 11.40 -4.09
CA SER D 23 1.41 11.32 -4.52
C SER D 23 0.46 11.21 -3.33
N SER D 24 0.87 10.50 -2.27
CA SER D 24 0.02 10.40 -1.09
C SER D 24 -0.15 11.75 -0.40
N ALA D 25 0.88 12.60 -0.46
CA ALA D 25 0.81 13.92 0.14
C ALA D 25 -0.08 14.85 -0.68
N ALA D 26 -0.47 14.43 -1.88
CA ALA D 26 -1.44 15.07 -2.75
C ALA D 26 -2.73 14.27 -2.68
N ASN D 27 -3.86 14.96 -2.68
CA ASN D 27 -5.15 14.29 -2.56
C ASN D 27 -5.46 13.52 -3.86
N CYS D 28 -4.78 12.39 -4.02
CA CYS D 28 -4.97 11.59 -5.23
C CYS D 28 -6.12 10.61 -5.03
N ASP D 29 -7.03 10.59 -5.99
CA ASP D 29 -8.18 9.67 -6.01
C ASP D 29 -7.88 8.66 -7.12
N TRP D 30 -7.21 7.57 -6.75
CA TRP D 30 -6.78 6.60 -7.77
C TRP D 30 -7.94 5.97 -8.53
N PRO D 31 -9.02 5.49 -7.89
CA PRO D 31 -10.11 4.90 -8.70
C PRO D 31 -10.66 5.87 -9.74
N ALA D 32 -10.79 7.15 -9.38
CA ALA D 32 -11.21 8.15 -10.36
C ALA D 32 -10.16 8.35 -11.44
N CYS D 33 -8.88 8.46 -11.04
CA CYS D 33 -7.81 8.63 -12.02
C CYS D 33 -7.76 7.46 -12.99
N LEU D 34 -7.75 6.23 -12.45
CA LEU D 34 -7.64 5.05 -13.30
C LEU D 34 -8.82 4.94 -14.26
N SER D 35 -10.02 5.28 -13.81
CA SER D 35 -11.18 5.18 -14.68
C SER D 35 -11.10 6.21 -15.81
N SER D 36 -10.45 7.36 -15.58
CA SER D 36 -10.30 8.38 -16.62
C SER D 36 -9.30 7.99 -17.70
N LEU D 37 -8.39 7.07 -17.40
CA LEU D 37 -7.36 6.66 -18.36
C LEU D 37 -7.91 5.70 -19.40
N SER D 38 -7.13 5.49 -20.46
CA SER D 38 -7.37 4.39 -21.39
C SER D 38 -6.79 3.15 -20.73
N ALA D 39 -7.65 2.20 -20.33
CA ALA D 39 -7.25 1.14 -19.42
C ALA D 39 -7.63 -0.25 -19.95
N SER D 40 -7.05 -0.66 -21.07
CA SER D 40 -7.28 -2.00 -21.59
C SER D 40 -6.07 -2.91 -21.39
N SER D 41 -5.04 -2.44 -20.70
CA SER D 41 -3.85 -3.25 -20.50
C SER D 41 -4.02 -4.14 -19.28
N ALA D 42 -3.22 -5.20 -19.25
CA ALA D 42 -3.23 -6.11 -18.10
C ALA D 42 -2.94 -5.33 -16.82
N ALA D 43 -1.98 -4.41 -16.87
CA ALA D 43 -1.65 -3.62 -15.69
C ALA D 43 -2.83 -2.78 -15.24
N CYS D 44 -3.59 -2.20 -16.17
CA CYS D 44 -4.71 -1.36 -15.76
C CYS D 44 -5.87 -2.19 -15.20
N ILE D 45 -6.16 -3.35 -15.80
CA ILE D 45 -7.24 -4.18 -15.26
C ILE D 45 -6.90 -4.62 -13.85
N ALA D 46 -5.64 -5.01 -13.61
CA ALA D 46 -5.23 -5.39 -12.26
C ALA D 46 -5.26 -4.20 -11.31
N ALA D 47 -4.79 -3.03 -11.77
CA ALA D 47 -4.77 -1.85 -10.89
C ALA D 47 -6.18 -1.43 -10.51
N ILE D 48 -7.10 -1.45 -11.47
CA ILE D 48 -8.49 -1.09 -11.20
C ILE D 48 -9.13 -2.14 -10.30
N GLY D 49 -8.78 -3.42 -10.50
CA GLY D 49 -9.31 -4.45 -9.63
C GLY D 49 -8.89 -4.28 -8.19
N GLU D 50 -7.71 -3.72 -7.94
CA GLU D 50 -7.27 -3.48 -6.58
C GLU D 50 -7.71 -2.12 -6.06
N LEU D 51 -8.64 -1.45 -6.74
CA LEU D 51 -9.19 -0.15 -6.31
C LEU D 51 -8.10 0.91 -6.19
N GLY D 52 -7.06 0.80 -7.02
CA GLY D 52 -5.93 1.72 -6.97
C GLY D 52 -5.03 1.57 -5.76
N LEU D 53 -5.24 0.56 -4.92
CA LEU D 53 -4.46 0.44 -3.69
C LEU D 53 -3.01 0.01 -3.94
N ASP D 54 -2.70 -0.55 -5.11
CA ASP D 54 -1.34 -1.02 -5.37
C ASP D 54 -0.64 0.03 -6.23
N ILE D 55 0.22 0.83 -5.60
CA ILE D 55 0.89 1.92 -6.32
C ILE D 55 1.71 1.40 -7.49
N PRO D 56 2.52 0.34 -7.36
CA PRO D 56 3.23 -0.16 -8.55
C PRO D 56 2.32 -0.51 -9.71
N LEU D 57 1.15 -1.10 -9.46
CA LEU D 57 0.23 -1.38 -10.56
C LEU D 57 -0.38 -0.10 -11.13
N ASP D 58 -0.66 0.88 -10.26
CA ASP D 58 -1.17 2.17 -10.71
C ASP D 58 -0.18 2.81 -11.68
N LEU D 59 1.09 2.80 -11.31
CA LEU D 59 2.12 3.39 -12.15
C LEU D 59 2.25 2.63 -13.46
N ALA D 60 2.29 1.29 -13.40
CA ALA D 60 2.38 0.47 -14.61
C ALA D 60 1.19 0.73 -15.53
N CYS D 61 0.00 0.84 -14.94
CA CYS D 61 -1.19 1.17 -15.71
C CYS D 61 -1.06 2.54 -16.39
N ALA D 62 -0.66 3.55 -15.63
CA ALA D 62 -0.55 4.91 -16.16
C ALA D 62 0.41 4.96 -17.34
N ALA D 63 1.47 4.18 -17.28
CA ALA D 63 2.46 4.16 -18.36
C ALA D 63 1.91 3.54 -19.63
N THR D 64 0.83 2.77 -19.54
CA THR D 64 0.21 2.16 -20.71
C THR D 64 -0.90 3.01 -21.29
N ALA D 65 -1.21 4.13 -20.67
CA ALA D 65 -2.32 4.96 -21.11
C ALA D 65 -1.84 5.91 -22.19
N THR D 66 -2.81 6.43 -22.94
CA THR D 66 -2.47 7.37 -24.01
C THR D 66 -2.05 8.72 -23.46
N THR D 67 -2.64 9.12 -22.33
CA THR D 67 -2.30 10.39 -21.71
C THR D 67 -2.41 10.27 -20.21
N SER D 68 -1.45 10.83 -19.50
CA SER D 68 -1.51 10.82 -18.04
C SER D 68 -1.94 12.18 -17.47
N ALA D 69 -2.33 13.12 -18.31
CA ALA D 69 -2.67 14.44 -17.81
C ALA D 69 -4.17 14.69 -17.83
N THR D 70 -4.94 13.82 -17.17
CA THR D 70 -6.37 14.01 -17.06
C THR D 70 -6.66 14.72 -15.75
N GLN D 71 -7.80 15.42 -15.70
CA GLN D 71 -8.16 16.14 -14.49
C GLN D 71 -8.34 15.20 -13.31
N ALA D 72 -8.88 14.01 -13.55
CA ALA D 72 -9.08 13.05 -12.47
C ALA D 72 -7.76 12.54 -11.91
N CYS D 73 -6.68 12.68 -12.66
CA CYS D 73 -5.36 12.25 -12.24
C CYS D 73 -4.54 13.36 -11.59
N LYS D 74 -5.15 14.51 -11.30
CA LYS D 74 -4.42 15.54 -10.56
C LYS D 74 -4.07 14.99 -9.18
N GLY D 75 -2.81 15.17 -8.78
CA GLY D 75 -2.30 14.60 -7.55
C GLY D 75 -1.80 13.18 -7.68
N CYS D 76 -2.24 12.47 -8.71
CA CYS D 76 -1.80 11.10 -8.97
C CYS D 76 -0.64 11.09 -9.95
N LEU D 77 -0.78 11.75 -11.11
CA LEU D 77 0.21 11.72 -12.15
C LEU D 77 0.81 13.07 -12.48
N TRP D 78 0.24 14.16 -11.98
CA TRP D 78 0.81 15.49 -12.17
C TRP D 78 0.41 16.46 -11.06
#